data_4DHE
#
_entry.id   4DHE
#
_cell.length_a   48.940
_cell.length_b   76.960
_cell.length_c   134.410
_cell.angle_alpha   90.000
_cell.angle_beta   90.000
_cell.angle_gamma   90.000
#
_symmetry.space_group_name_H-M   'P 21 21 21'
#
loop_
_entity.id
_entity.type
_entity.pdbx_description
1 polymer 'Probable GTP-binding protein EngB'
2 non-polymer 'CHLORIDE ION'
3 water water
#
_entity_poly.entity_id   1
_entity_poly.type   'polypeptide(L)'
_entity_poly.pdbx_seq_one_letter_code
;GPGSMAFLLHQARFFTTVNHLRDLPPTVQPEIAFAGRSNAGKSTAINVLCNQKRLAFASKTPGRTQHINYFSVGPAAEPV
AHLVDLPGYGYAEVPGAAKAHWEQLLSSYLQTRPQLCGMILMMDARRPLTELDRRMIEWFAPTGKPIHSLLTKCDKLTRQ
ESINALRATQKSLDAYRDAGYAGKLTVQLFSALKRTGLDDAHALIESWLRPAAADEDHAAVAE
;
_entity_poly.pdbx_strand_id   A,B
#
loop_
_chem_comp.id
_chem_comp.type
_chem_comp.name
_chem_comp.formula
CL non-polymer 'CHLORIDE ION' 'Cl -1'
#
# COMPACT_ATOMS: atom_id res chain seq x y z
N GLY A 3 9.29 9.53 -29.61
CA GLY A 3 8.68 8.32 -30.22
C GLY A 3 8.13 7.22 -29.30
N SER A 4 8.51 5.99 -29.63
CA SER A 4 7.96 4.78 -29.05
C SER A 4 8.47 4.55 -27.64
N MET A 5 7.91 3.55 -26.98
CA MET A 5 8.26 3.25 -25.55
C MET A 5 9.68 2.67 -25.64
N ALA A 6 9.92 1.87 -26.69
CA ALA A 6 11.24 1.31 -27.04
C ALA A 6 12.35 2.35 -27.07
N PHE A 7 12.09 3.45 -27.79
CA PHE A 7 13.03 4.56 -27.93
C PHE A 7 13.29 5.17 -26.55
N LEU A 8 12.23 5.46 -25.83
CA LEU A 8 12.34 6.10 -24.53
C LEU A 8 13.12 5.23 -23.56
N LEU A 9 12.88 3.94 -23.62
CA LEU A 9 13.59 2.99 -22.79
C LEU A 9 15.07 2.95 -23.10
N HIS A 10 15.36 2.96 -24.39
CA HIS A 10 16.72 2.93 -24.87
C HIS A 10 17.55 4.13 -24.51
N GLN A 11 16.91 5.28 -24.28
CA GLN A 11 17.61 6.47 -23.73
C GLN A 11 17.93 6.34 -22.24
N ALA A 12 17.63 5.21 -21.64
CA ALA A 12 17.77 5.08 -20.17
C ALA A 12 19.21 5.33 -19.73
N ARG A 13 19.38 5.77 -18.46
CA ARG A 13 20.68 6.02 -17.86
C ARG A 13 20.48 5.76 -16.34
N PHE A 14 21.54 5.42 -15.65
CA PHE A 14 21.52 5.28 -14.20
C PHE A 14 21.32 6.65 -13.55
N PHE A 15 20.45 6.72 -12.54
CA PHE A 15 20.19 7.97 -11.85
C PHE A 15 20.84 8.00 -10.48
N THR A 16 20.34 7.18 -9.57
CA THR A 16 20.90 7.13 -8.21
C THR A 16 20.59 5.79 -7.55
N THR A 17 21.31 5.49 -6.49
CA THR A 17 21.01 4.36 -5.66
C THR A 17 20.35 4.91 -4.44
N VAL A 18 19.74 4.03 -3.66
CA VAL A 18 18.94 4.41 -2.52
C VAL A 18 18.86 3.22 -1.56
N ASN A 19 18.95 3.44 -0.25
CA ASN A 19 18.83 2.32 0.72
C ASN A 19 18.09 2.59 2.06
N HIS A 20 17.44 3.74 2.12
CA HIS A 20 16.52 4.07 3.24
C HIS A 20 15.31 4.69 2.69
N LEU A 21 14.17 4.46 3.35
CA LEU A 21 12.87 4.96 2.84
C LEU A 21 12.86 6.47 2.62
N ARG A 22 13.37 7.20 3.62
CA ARG A 22 13.31 8.65 3.56
C ARG A 22 14.17 9.28 2.42
N ASP A 23 15.05 8.51 1.78
CA ASP A 23 16.00 9.07 0.82
C ASP A 23 15.57 8.79 -0.64
N LEU A 24 14.36 8.27 -0.86
CA LEU A 24 13.85 8.13 -2.25
C LEU A 24 13.80 9.47 -3.00
N PRO A 25 14.17 9.47 -4.28
CA PRO A 25 14.21 10.79 -4.89
C PRO A 25 12.83 11.42 -4.97
N PRO A 26 12.73 12.74 -4.71
CA PRO A 26 11.50 13.46 -4.90
C PRO A 26 11.24 13.72 -6.38
N THR A 27 10.93 12.68 -7.14
CA THR A 27 10.72 12.81 -8.60
C THR A 27 9.25 13.03 -8.98
N VAL A 28 9.01 13.78 -10.03
CA VAL A 28 7.65 14.11 -10.42
C VAL A 28 7.02 12.94 -11.19
N GLN A 29 7.85 12.21 -11.90
CA GLN A 29 7.33 11.34 -12.97
C GLN A 29 6.84 10.00 -12.39
N PRO A 30 5.98 9.28 -13.13
CA PRO A 30 5.68 7.92 -12.71
C PRO A 30 6.86 6.94 -12.81
N GLU A 31 6.89 5.98 -11.89
CA GLU A 31 7.90 4.97 -11.94
C GLU A 31 7.33 3.57 -11.88
N ILE A 32 7.97 2.66 -12.61
CA ILE A 32 7.68 1.22 -12.49
C ILE A 32 8.74 0.49 -11.63
N ALA A 33 8.27 -0.41 -10.81
CA ALA A 33 9.15 -1.19 -9.93
C ALA A 33 9.36 -2.61 -10.53
N PHE A 34 10.62 -3.06 -10.57
CA PHE A 34 10.98 -4.40 -10.99
C PHE A 34 11.28 -5.12 -9.70
N ALA A 35 10.64 -6.26 -9.51
CA ALA A 35 10.79 -7.05 -8.26
C ALA A 35 11.03 -8.54 -8.57
N GLY A 36 11.68 -9.25 -7.65
CA GLY A 36 12.06 -10.62 -7.95
C GLY A 36 13.10 -11.18 -7.03
N ARG A 37 13.25 -12.51 -7.09
CA ARG A 37 14.22 -13.23 -6.22
C ARG A 37 15.60 -12.98 -6.81
N SER A 38 15.68 -12.72 -8.13
CA SER A 38 16.98 -12.71 -8.80
C SER A 38 17.43 -11.34 -9.31
N ASN A 39 18.45 -10.75 -8.65
CA ASN A 39 19.12 -9.58 -9.21
C ASN A 39 19.68 -9.81 -10.61
N ALA A 40 20.16 -11.03 -10.86
CA ALA A 40 20.70 -11.44 -12.16
C ALA A 40 19.66 -11.26 -13.24
N GLY A 41 18.47 -11.81 -13.02
CA GLY A 41 17.38 -11.77 -13.97
C GLY A 41 16.81 -10.38 -14.13
N LYS A 42 16.77 -9.63 -13.02
CA LYS A 42 16.29 -8.24 -13.07
C LYS A 42 17.20 -7.39 -13.95
N SER A 43 18.48 -7.36 -13.62
CA SER A 43 19.46 -6.60 -14.37
C SER A 43 19.44 -6.93 -15.85
N THR A 44 19.31 -8.22 -16.15
CA THR A 44 19.30 -8.70 -17.53
C THR A 44 18.06 -8.27 -18.26
N ALA A 45 16.92 -8.28 -17.55
CA ALA A 45 15.63 -7.83 -18.11
C ALA A 45 15.63 -6.32 -18.46
N ILE A 46 16.17 -5.51 -17.54
CA ILE A 46 16.26 -4.07 -17.76
C ILE A 46 17.13 -3.70 -19.00
N ASN A 47 18.29 -4.36 -19.15
CA ASN A 47 19.20 -4.09 -20.26
C ASN A 47 18.56 -4.45 -21.55
N VAL A 48 17.82 -5.54 -21.58
CA VAL A 48 17.20 -5.99 -22.84
C VAL A 48 16.02 -5.10 -23.22
N LEU A 49 15.20 -4.75 -22.23
CA LEU A 49 14.11 -3.80 -22.46
C LEU A 49 14.57 -2.42 -22.92
N CYS A 50 15.76 -2.00 -22.47
CA CYS A 50 16.36 -0.73 -22.91
C CYS A 50 17.37 -0.90 -24.07
N ASN A 51 17.51 -2.14 -24.56
CA ASN A 51 18.53 -2.48 -25.54
C ASN A 51 19.90 -1.86 -25.22
N GLN A 52 20.39 -2.04 -24.00
CA GLN A 52 21.74 -1.61 -23.63
C GLN A 52 22.54 -2.80 -23.13
N LYS A 53 23.87 -2.70 -23.18
CA LYS A 53 24.73 -3.77 -22.69
C LYS A 53 25.15 -3.57 -21.22
N ARG A 54 25.16 -2.32 -20.77
CA ARG A 54 25.94 -1.95 -19.59
C ARG A 54 25.20 -0.87 -18.78
N LEU A 55 23.89 -1.08 -18.59
CA LEU A 55 23.04 -0.15 -17.85
C LEU A 55 22.81 -0.60 -16.43
N ALA A 56 22.36 -1.85 -16.28
CA ALA A 56 21.72 -2.26 -15.04
C ALA A 56 22.61 -2.97 -14.03
N PHE A 57 23.93 -2.81 -14.15
CA PHE A 57 24.91 -3.37 -13.18
C PHE A 57 24.95 -4.88 -13.22
N ALA A 58 24.87 -5.39 -14.44
CA ALA A 58 24.82 -6.84 -14.71
C ALA A 58 26.04 -7.62 -14.14
N SER A 59 27.22 -7.02 -14.08
CA SER A 59 28.42 -7.78 -13.65
C SER A 59 29.00 -7.36 -12.29
N LYS A 60 28.14 -6.86 -11.40
CA LYS A 60 28.54 -6.33 -10.10
C LYS A 60 28.39 -7.41 -9.02
N THR A 61 29.41 -7.60 -8.19
CA THR A 61 29.44 -8.69 -7.22
C THR A 61 28.78 -8.25 -5.92
N PRO A 62 27.63 -8.86 -5.57
CA PRO A 62 27.01 -8.58 -4.27
C PRO A 62 28.02 -8.50 -3.11
N GLY A 63 27.94 -7.43 -2.33
CA GLY A 63 28.68 -7.29 -1.09
C GLY A 63 27.80 -7.56 0.12
N ARG A 64 28.08 -6.87 1.21
CA ARG A 64 27.33 -6.96 2.47
C ARG A 64 26.02 -6.16 2.49
N THR A 65 25.78 -5.32 1.50
CA THR A 65 24.58 -4.48 1.56
C THR A 65 23.83 -4.50 0.23
N GLN A 66 22.54 -4.17 0.25
CA GLN A 66 21.77 -4.08 -1.00
C GLN A 66 21.20 -2.68 -1.22
N HIS A 67 20.74 -2.43 -2.42
CA HIS A 67 20.36 -1.10 -2.82
C HIS A 67 19.28 -1.16 -3.87
N ILE A 68 18.43 -0.12 -3.87
CA ILE A 68 17.44 0.13 -4.90
C ILE A 68 18.24 0.94 -5.91
N ASN A 69 17.95 0.79 -7.20
CA ASN A 69 18.53 1.64 -8.22
C ASN A 69 17.48 2.28 -9.17
N TYR A 70 17.63 3.59 -9.38
CA TYR A 70 16.74 4.36 -10.19
C TYR A 70 17.39 4.61 -11.54
N PHE A 71 16.57 4.53 -12.60
CA PHE A 71 17.03 4.76 -14.00
C PHE A 71 16.07 5.71 -14.74
N SER A 72 16.54 6.85 -15.18
CA SER A 72 15.71 7.70 -16.02
C SER A 72 15.20 6.90 -17.22
N VAL A 73 13.98 7.18 -17.66
CA VAL A 73 13.43 6.76 -18.98
C VAL A 73 13.24 8.03 -19.76
N GLY A 74 13.34 8.00 -21.09
CA GLY A 74 13.50 9.24 -21.83
C GLY A 74 14.85 9.90 -21.57
N PRO A 75 15.04 11.16 -22.00
CA PRO A 75 16.32 11.86 -21.81
C PRO A 75 16.59 12.07 -20.36
N ALA A 76 17.85 11.93 -19.92
CA ALA A 76 18.19 12.06 -18.46
C ALA A 76 17.96 13.48 -17.95
N ALA A 77 18.16 14.47 -18.84
CA ALA A 77 17.92 15.87 -18.51
C ALA A 77 16.41 16.15 -18.27
N GLU A 78 15.54 15.34 -18.89
CA GLU A 78 14.11 15.65 -18.99
C GLU A 78 13.30 14.34 -18.95
N PRO A 79 13.48 13.57 -17.88
CA PRO A 79 12.92 12.22 -17.92
C PRO A 79 11.40 12.18 -18.00
N VAL A 80 10.86 11.13 -18.63
CA VAL A 80 9.44 10.90 -18.70
C VAL A 80 8.93 9.83 -17.72
N ALA A 81 9.85 9.03 -17.17
CA ALA A 81 9.54 8.08 -16.06
C ALA A 81 10.81 7.64 -15.33
N HIS A 82 10.70 6.86 -14.25
CA HIS A 82 11.82 6.05 -13.80
C HIS A 82 11.56 4.56 -13.76
N LEU A 83 12.64 3.76 -13.77
CA LEU A 83 12.59 2.30 -13.56
C LEU A 83 13.26 2.07 -12.19
N VAL A 84 12.59 1.35 -11.32
CA VAL A 84 13.06 1.18 -9.96
C VAL A 84 13.41 -0.30 -9.80
N ASP A 85 14.71 -0.62 -9.72
CA ASP A 85 15.15 -2.00 -9.53
C ASP A 85 15.18 -2.26 -8.07
N LEU A 86 14.16 -2.93 -7.55
CA LEU A 86 14.17 -3.39 -6.13
C LEU A 86 15.07 -4.62 -5.97
N PRO A 87 15.81 -4.70 -4.86
CA PRO A 87 16.73 -5.81 -4.56
C PRO A 87 16.16 -7.23 -4.44
N GLY A 88 16.92 -8.16 -5.03
CA GLY A 88 16.53 -9.56 -5.13
C GLY A 88 16.47 -10.08 -3.73
N TYR A 89 15.35 -10.70 -3.39
CA TYR A 89 15.23 -11.32 -2.07
C TYR A 89 15.77 -12.74 -2.13
N GLY A 90 16.15 -13.18 -3.33
CA GLY A 90 16.63 -14.56 -3.50
C GLY A 90 15.58 -15.60 -3.08
N TYR A 91 16.03 -16.73 -2.53
CA TYR A 91 15.19 -17.86 -2.15
C TYR A 91 15.09 -18.07 -0.64
N ALA A 92 16.00 -17.51 0.15
CA ALA A 92 15.87 -17.60 1.61
C ALA A 92 16.18 -16.23 2.14
N GLU A 93 15.65 -15.91 3.31
CA GLU A 93 15.90 -14.59 3.81
C GLU A 93 17.10 -14.64 4.76
N VAL A 94 17.93 -13.62 4.64
CA VAL A 94 19.16 -13.57 5.37
C VAL A 94 18.84 -13.09 6.80
N PRO A 95 19.04 -13.97 7.79
CA PRO A 95 18.84 -13.48 9.17
C PRO A 95 19.77 -12.30 9.50
N GLY A 96 19.38 -11.47 10.46
CA GLY A 96 20.16 -10.26 10.77
C GLY A 96 19.40 -8.95 10.66
N ALA A 97 19.94 -7.94 11.34
CA ALA A 97 19.27 -6.64 11.50
C ALA A 97 18.73 -6.04 10.17
N ALA A 98 19.34 -6.37 9.03
CA ALA A 98 18.87 -5.85 7.73
C ALA A 98 17.57 -6.48 7.18
N LYS A 99 17.13 -7.58 7.79
CA LYS A 99 15.91 -8.26 7.38
C LYS A 99 14.72 -7.36 7.69
N ALA A 100 14.62 -6.94 8.95
CA ALA A 100 13.56 -5.97 9.34
C ALA A 100 13.60 -4.71 8.47
N HIS A 101 14.79 -4.16 8.26
CA HIS A 101 14.94 -2.90 7.58
C HIS A 101 14.30 -3.06 6.25
N TRP A 102 14.61 -4.15 5.57
CA TRP A 102 14.13 -4.24 4.17
C TRP A 102 12.67 -4.56 4.06
N GLU A 103 12.14 -5.32 5.04
CA GLU A 103 10.71 -5.57 5.20
C GLU A 103 9.92 -4.26 5.33
N GLN A 104 10.24 -3.47 6.36
CA GLN A 104 9.62 -2.14 6.51
C GLN A 104 9.76 -1.27 5.21
N LEU A 105 10.96 -1.22 4.64
CA LEU A 105 11.18 -0.30 3.53
C LEU A 105 10.27 -0.63 2.39
N LEU A 106 10.38 -1.87 1.90
CA LEU A 106 9.70 -2.36 0.70
C LEU A 106 8.16 -2.31 0.81
N SER A 107 7.61 -2.70 1.97
CA SER A 107 6.16 -2.63 2.20
C SER A 107 5.66 -1.19 2.21
N SER A 108 6.35 -0.31 2.94
CA SER A 108 6.01 1.12 2.91
C SER A 108 6.20 1.69 1.45
N TYR A 109 7.26 1.30 0.74
CA TYR A 109 7.47 1.83 -0.62
C TYR A 109 6.29 1.38 -1.46
N LEU A 110 6.11 0.07 -1.60
CA LEU A 110 5.01 -0.54 -2.35
C LEU A 110 3.63 0.07 -2.06
N GLN A 111 3.32 0.23 -0.78
CA GLN A 111 2.01 0.69 -0.39
C GLN A 111 1.80 2.19 -0.55
N THR A 112 2.84 3.02 -0.42
CA THR A 112 2.59 4.48 -0.32
C THR A 112 3.44 5.40 -1.22
N ARG A 113 4.45 4.88 -1.87
CA ARG A 113 5.20 5.71 -2.82
C ARG A 113 4.15 6.25 -3.79
N PRO A 114 3.87 7.56 -3.74
CA PRO A 114 2.90 8.15 -4.68
C PRO A 114 3.18 7.87 -6.14
N GLN A 115 4.43 7.99 -6.57
CA GLN A 115 4.74 7.97 -8.04
C GLN A 115 4.67 6.59 -8.73
N LEU A 116 4.77 5.56 -7.90
CA LEU A 116 4.75 4.17 -8.34
C LEU A 116 3.43 3.78 -8.98
N CYS A 117 3.43 3.51 -10.28
CA CYS A 117 2.21 3.10 -10.96
C CYS A 117 2.04 1.59 -11.17
N GLY A 118 3.03 0.78 -10.80
CA GLY A 118 2.89 -0.65 -10.99
C GLY A 118 4.15 -1.44 -10.80
N MET A 119 3.99 -2.76 -10.72
CA MET A 119 5.09 -3.63 -10.42
C MET A 119 5.20 -4.77 -11.44
N ILE A 120 6.42 -4.94 -11.96
CA ILE A 120 6.76 -6.04 -12.80
C ILE A 120 7.48 -7.07 -11.94
N LEU A 121 6.90 -8.27 -11.84
CA LEU A 121 7.38 -9.30 -10.92
C LEU A 121 8.01 -10.40 -11.77
N MET A 122 9.30 -10.62 -11.56
CA MET A 122 10.07 -11.57 -12.36
C MET A 122 10.26 -12.90 -11.66
N MET A 123 9.71 -13.94 -12.27
CA MET A 123 9.76 -15.28 -11.68
C MET A 123 10.13 -16.31 -12.75
N ASP A 124 11.21 -17.05 -12.46
CA ASP A 124 11.57 -18.30 -13.17
C ASP A 124 10.35 -19.17 -13.53
N ALA A 125 10.13 -19.37 -14.83
CA ALA A 125 9.00 -20.19 -15.31
C ALA A 125 8.98 -21.62 -14.71
N ARG A 126 10.16 -22.19 -14.45
CA ARG A 126 10.31 -23.51 -13.87
C ARG A 126 9.83 -23.55 -12.41
N ARG A 127 9.73 -22.40 -11.78
CA ARG A 127 9.47 -22.36 -10.35
C ARG A 127 8.75 -21.06 -9.98
N PRO A 128 7.53 -20.88 -10.47
CA PRO A 128 6.84 -19.62 -10.18
C PRO A 128 6.37 -19.48 -8.73
N LEU A 129 6.25 -18.24 -8.30
CA LEU A 129 5.47 -17.85 -7.14
C LEU A 129 5.96 -18.43 -5.83
N THR A 130 7.16 -18.07 -5.43
CA THR A 130 7.65 -18.55 -4.14
C THR A 130 6.92 -17.82 -3.01
N GLU A 131 7.26 -18.20 -1.80
CA GLU A 131 6.70 -17.55 -0.64
C GLU A 131 7.04 -16.07 -0.61
N LEU A 132 8.25 -15.73 -1.02
CA LEU A 132 8.67 -14.32 -1.05
C LEU A 132 8.03 -13.56 -2.21
N ASP A 133 7.85 -14.19 -3.37
CA ASP A 133 7.00 -13.60 -4.41
C ASP A 133 5.63 -13.25 -3.84
N ARG A 134 4.99 -14.23 -3.20
CA ARG A 134 3.67 -14.03 -2.60
C ARG A 134 3.59 -12.83 -1.67
N ARG A 135 4.64 -12.61 -0.90
CA ARG A 135 4.67 -11.49 0.03
C ARG A 135 4.68 -10.13 -0.69
N MET A 136 5.37 -10.01 -1.81
CA MET A 136 5.35 -8.79 -2.57
C MET A 136 3.94 -8.52 -3.11
N ILE A 137 3.26 -9.58 -3.54
CA ILE A 137 1.86 -9.47 -4.00
C ILE A 137 0.94 -8.94 -2.89
N GLU A 138 1.06 -9.55 -1.71
CA GLU A 138 0.20 -9.18 -0.60
C GLU A 138 0.51 -7.77 -0.08
N TRP A 139 1.78 -7.39 -0.12
CA TRP A 139 2.16 -6.05 0.32
C TRP A 139 1.54 -5.03 -0.61
N PHE A 140 1.40 -5.34 -1.89
CA PHE A 140 0.87 -4.37 -2.86
C PHE A 140 -0.66 -4.28 -2.78
N ALA A 141 -1.29 -5.28 -2.15
CA ALA A 141 -2.75 -5.48 -2.14
C ALA A 141 -3.62 -4.24 -1.91
N PRO A 142 -3.33 -3.50 -0.85
CA PRO A 142 -4.19 -2.36 -0.56
C PRO A 142 -4.19 -1.24 -1.59
N THR A 143 -3.22 -1.21 -2.50
CA THR A 143 -3.05 -0.07 -3.39
C THR A 143 -4.01 -0.07 -4.57
N GLY A 144 -4.50 -1.23 -4.96
CA GLY A 144 -5.28 -1.33 -6.19
C GLY A 144 -4.46 -1.13 -7.45
N LYS A 145 -3.14 -1.17 -7.32
CA LYS A 145 -2.25 -0.98 -8.49
C LYS A 145 -1.92 -2.33 -9.09
N PRO A 146 -1.58 -2.34 -10.39
CA PRO A 146 -1.37 -3.60 -11.11
C PRO A 146 -0.03 -4.30 -10.88
N ILE A 147 -0.05 -5.62 -11.04
CA ILE A 147 1.16 -6.43 -11.10
C ILE A 147 1.15 -7.28 -12.37
N HIS A 148 2.18 -7.10 -13.20
CA HIS A 148 2.41 -7.92 -14.38
C HIS A 148 3.51 -8.88 -14.03
N SER A 149 3.22 -10.17 -14.12
CA SER A 149 4.21 -11.22 -13.88
C SER A 149 4.89 -11.65 -15.18
N LEU A 150 6.23 -11.62 -15.18
CA LEU A 150 7.03 -12.22 -16.24
C LEU A 150 7.53 -13.58 -15.76
N LEU A 151 7.11 -14.64 -16.45
CA LEU A 151 7.70 -15.99 -16.26
C LEU A 151 8.98 -16.10 -17.12
N THR A 152 10.12 -15.93 -16.44
CA THR A 152 11.43 -15.73 -17.07
C THR A 152 12.10 -17.06 -17.50
N LYS A 153 13.08 -16.96 -18.41
CA LYS A 153 13.92 -18.07 -18.83
C LYS A 153 13.04 -19.11 -19.50
N CYS A 154 12.06 -18.63 -20.25
CA CYS A 154 11.03 -19.49 -20.71
C CYS A 154 11.55 -20.40 -21.83
N ASP A 155 12.74 -20.08 -22.34
CA ASP A 155 13.37 -20.88 -23.38
C ASP A 155 13.82 -22.26 -22.83
N LYS A 156 13.92 -22.37 -21.51
CA LYS A 156 14.32 -23.62 -20.86
C LYS A 156 13.16 -24.63 -20.79
N LEU A 157 11.95 -24.22 -21.15
CA LEU A 157 10.80 -25.10 -21.09
C LEU A 157 10.37 -25.50 -22.49
N THR A 158 9.73 -26.66 -22.61
CA THR A 158 9.05 -27.02 -23.85
C THR A 158 7.79 -26.18 -24.03
N ARG A 159 7.23 -26.21 -25.24
CA ARG A 159 6.02 -25.44 -25.55
C ARG A 159 4.92 -25.79 -24.58
N GLN A 160 4.69 -27.09 -24.40
CA GLN A 160 3.63 -27.55 -23.50
C GLN A 160 3.87 -27.14 -22.06
N GLU A 161 5.11 -27.27 -21.61
CA GLU A 161 5.49 -26.90 -20.24
C GLU A 161 5.26 -25.41 -19.98
N SER A 162 5.60 -24.58 -20.96
CA SER A 162 5.42 -23.15 -20.83
C SER A 162 3.91 -22.83 -20.70
N ILE A 163 3.08 -23.42 -21.57
CA ILE A 163 1.62 -23.29 -21.46
C ILE A 163 1.15 -23.73 -20.09
N ASN A 164 1.60 -24.90 -19.65
CA ASN A 164 1.22 -25.39 -18.34
C ASN A 164 1.58 -24.41 -17.23
N ALA A 165 2.71 -23.72 -17.37
CA ALA A 165 3.17 -22.77 -16.38
C ALA A 165 2.32 -21.49 -16.41
N LEU A 166 1.98 -21.02 -17.61
CA LEU A 166 1.04 -19.91 -17.75
C LEU A 166 -0.26 -20.21 -17.01
N ARG A 167 -0.85 -21.35 -17.30
CA ARG A 167 -2.13 -21.73 -16.69
C ARG A 167 -2.04 -21.94 -15.20
N ALA A 168 -0.97 -22.54 -14.73
CA ALA A 168 -0.77 -22.71 -13.27
C ALA A 168 -0.67 -21.36 -12.52
N THR A 169 0.04 -20.41 -13.10
CA THR A 169 0.23 -19.07 -12.51
C THR A 169 -1.09 -18.29 -12.58
N GLN A 170 -1.74 -18.34 -13.74
CA GLN A 170 -3.08 -17.80 -13.90
C GLN A 170 -3.99 -18.25 -12.80
N LYS A 171 -4.04 -19.55 -12.56
CA LYS A 171 -4.92 -20.09 -11.55
C LYS A 171 -4.55 -19.54 -10.19
N SER A 172 -3.26 -19.42 -9.90
CA SER A 172 -2.83 -18.88 -8.59
C SER A 172 -3.17 -17.41 -8.44
N LEU A 173 -3.04 -16.65 -9.53
CA LEU A 173 -3.42 -15.24 -9.55
C LEU A 173 -4.93 -15.01 -9.37
N ASP A 174 -5.75 -15.88 -9.96
CA ASP A 174 -7.20 -15.80 -9.77
C ASP A 174 -7.60 -15.96 -8.31
N ALA A 175 -6.94 -16.85 -7.58
CA ALA A 175 -7.21 -17.00 -6.15
C ALA A 175 -7.13 -15.68 -5.43
N TYR A 176 -6.16 -14.84 -5.81
CA TYR A 176 -6.00 -13.51 -5.22
C TYR A 176 -7.19 -12.62 -5.55
N ARG A 177 -7.59 -12.58 -6.82
CA ARG A 177 -8.79 -11.83 -7.26
C ARG A 177 -10.01 -12.32 -6.51
N ASP A 178 -10.18 -13.64 -6.43
CA ASP A 178 -11.29 -14.23 -5.72
C ASP A 178 -11.27 -13.85 -4.24
N ALA A 179 -10.09 -13.68 -3.66
CA ALA A 179 -10.01 -13.21 -2.26
C ALA A 179 -10.38 -11.72 -2.08
N GLY A 180 -10.48 -10.98 -3.19
CA GLY A 180 -10.74 -9.52 -3.17
C GLY A 180 -9.61 -8.61 -3.65
N TYR A 181 -8.51 -9.15 -4.17
CA TYR A 181 -7.39 -8.33 -4.64
C TYR A 181 -7.85 -7.31 -5.67
N ALA A 182 -7.64 -6.04 -5.36
CA ALA A 182 -8.18 -4.95 -6.14
C ALA A 182 -7.45 -4.73 -7.45
N GLY A 183 -6.12 -4.79 -7.43
CA GLY A 183 -5.32 -4.44 -8.61
C GLY A 183 -5.31 -5.48 -9.72
N LYS A 184 -5.04 -5.02 -10.94
CA LYS A 184 -4.99 -5.92 -12.10
C LYS A 184 -3.77 -6.86 -12.13
N LEU A 185 -4.03 -8.17 -12.12
CA LEU A 185 -2.99 -9.20 -12.20
C LEU A 185 -2.92 -9.88 -13.56
N THR A 186 -1.80 -9.67 -14.26
CA THR A 186 -1.57 -10.24 -15.59
C THR A 186 -0.30 -11.11 -15.60
N VAL A 187 -0.04 -11.79 -16.72
CA VAL A 187 1.14 -12.67 -16.83
C VAL A 187 1.53 -12.95 -18.28
N GLN A 188 2.82 -13.15 -18.53
CA GLN A 188 3.31 -13.54 -19.86
C GLN A 188 4.57 -14.38 -19.75
N LEU A 189 4.91 -15.10 -20.82
CA LEU A 189 6.23 -15.74 -20.88
C LEU A 189 7.28 -14.70 -21.29
N PHE A 190 8.51 -14.86 -20.77
CA PHE A 190 9.61 -13.95 -21.07
C PHE A 190 10.99 -14.66 -21.13
N SER A 191 11.76 -14.33 -22.18
CA SER A 191 13.12 -14.82 -22.35
C SER A 191 14.08 -13.72 -22.78
N ALA A 192 14.93 -13.29 -21.83
CA ALA A 192 16.02 -12.34 -22.11
C ALA A 192 16.91 -12.86 -23.24
N LEU A 193 17.48 -14.06 -23.06
CA LEU A 193 18.32 -14.73 -24.08
C LEU A 193 17.72 -14.80 -25.48
N LYS A 194 16.49 -15.31 -25.60
CA LYS A 194 15.85 -15.45 -26.93
C LYS A 194 15.02 -14.23 -27.35
N ARG A 195 15.03 -13.19 -26.52
CA ARG A 195 14.24 -11.97 -26.78
C ARG A 195 12.75 -12.29 -27.06
N THR A 196 12.17 -13.13 -26.20
CA THR A 196 10.78 -13.56 -26.31
C THR A 196 9.94 -12.78 -25.32
N GLY A 197 8.79 -12.29 -25.78
CA GLY A 197 7.85 -11.58 -24.89
C GLY A 197 8.20 -10.11 -24.75
N LEU A 198 9.08 -9.64 -25.63
CA LEU A 198 9.67 -8.31 -25.49
C LEU A 198 8.69 -7.23 -25.93
N ASP A 199 8.05 -7.44 -27.10
CA ASP A 199 7.04 -6.52 -27.64
C ASP A 199 5.85 -6.42 -26.67
N ASP A 200 5.39 -7.56 -26.17
CA ASP A 200 4.37 -7.55 -25.14
C ASP A 200 4.85 -6.77 -23.89
N ALA A 201 6.10 -6.97 -23.49
CA ALA A 201 6.63 -6.27 -22.30
C ALA A 201 6.64 -4.73 -22.54
N HIS A 202 7.09 -4.32 -23.73
CA HIS A 202 7.06 -2.90 -24.09
C HIS A 202 5.67 -2.33 -24.12
N ALA A 203 4.73 -3.06 -24.71
CA ALA A 203 3.35 -2.58 -24.83
C ALA A 203 2.73 -2.41 -23.44
N LEU A 204 2.99 -3.35 -22.54
CA LEU A 204 2.42 -3.21 -21.21
C LEU A 204 2.99 -1.97 -20.57
N ILE A 205 4.30 -1.77 -20.67
CA ILE A 205 4.94 -0.63 -20.02
C ILE A 205 4.36 0.68 -20.56
N GLU A 206 4.23 0.76 -21.88
CA GLU A 206 3.61 1.91 -22.51
C GLU A 206 2.20 2.14 -21.94
N SER A 207 1.42 1.09 -21.77
CA SER A 207 0.06 1.21 -21.25
C SER A 207 0.05 1.83 -19.85
N TRP A 208 0.99 1.44 -19.01
CA TRP A 208 1.10 2.00 -17.66
C TRP A 208 1.57 3.42 -17.61
N LEU A 209 2.58 3.76 -18.41
CA LEU A 209 3.23 5.06 -18.28
C LEU A 209 2.55 6.16 -19.10
N ARG A 210 1.73 5.78 -20.08
CA ARG A 210 1.19 6.72 -21.06
C ARG A 210 -0.15 6.21 -21.60
N GLY B 3 -2.44 -11.88 21.60
CA GLY B 3 -2.08 -12.43 20.26
C GLY B 3 -2.09 -11.34 19.19
N SER B 4 -2.85 -11.60 18.13
CA SER B 4 -2.94 -10.71 16.98
C SER B 4 -3.74 -9.47 17.34
N MET B 5 -3.69 -8.51 16.43
CA MET B 5 -4.41 -7.26 16.64
C MET B 5 -5.90 -7.59 16.57
N ALA B 6 -6.26 -8.48 15.63
CA ALA B 6 -7.62 -8.99 15.47
C ALA B 6 -8.23 -9.51 16.77
N PHE B 7 -7.44 -10.30 17.50
CA PHE B 7 -7.85 -10.86 18.78
C PHE B 7 -8.06 -9.73 19.80
N LEU B 8 -7.10 -8.84 19.89
CA LEU B 8 -7.16 -7.74 20.85
C LEU B 8 -8.38 -6.85 20.58
N LEU B 9 -8.65 -6.59 19.31
CA LEU B 9 -9.79 -5.78 18.92
C LEU B 9 -11.09 -6.46 19.31
N HIS B 10 -11.12 -7.78 19.12
CA HIS B 10 -12.30 -8.57 19.42
C HIS B 10 -12.65 -8.64 20.88
N GLN B 11 -11.67 -8.41 21.76
CA GLN B 11 -11.94 -8.27 23.20
C GLN B 11 -12.54 -6.90 23.59
N ALA B 12 -12.81 -6.04 22.62
CA ALA B 12 -13.22 -4.65 22.93
C ALA B 12 -14.50 -4.60 23.75
N ARG B 13 -14.65 -3.54 24.54
CA ARG B 13 -15.83 -3.30 25.38
C ARG B 13 -16.00 -1.80 25.49
N PHE B 14 -17.23 -1.34 25.75
CA PHE B 14 -17.48 0.09 25.98
C PHE B 14 -16.83 0.47 27.32
N PHE B 15 -16.16 1.62 27.37
CA PHE B 15 -15.54 2.08 28.60
C PHE B 15 -16.32 3.22 29.24
N THR B 16 -16.37 4.37 28.56
CA THR B 16 -17.05 5.56 29.10
C THR B 16 -17.41 6.52 27.97
N THR B 17 -18.33 7.42 28.28
CA THR B 17 -18.60 8.54 27.40
C THR B 17 -17.96 9.75 28.03
N VAL B 18 -17.77 10.78 27.21
CA VAL B 18 -17.04 11.98 27.58
C VAL B 18 -17.72 13.11 26.84
N ASN B 19 -18.27 14.08 27.57
CA ASN B 19 -18.98 15.23 26.97
C ASN B 19 -18.22 16.54 27.17
N HIS B 20 -17.16 16.49 27.98
CA HIS B 20 -16.36 17.66 28.28
C HIS B 20 -14.91 17.29 28.20
N LEU B 21 -14.10 18.24 27.78
CA LEU B 21 -12.65 18.05 27.63
C LEU B 21 -12.01 17.60 28.96
N ARG B 22 -12.39 18.25 30.06
CA ARG B 22 -11.85 17.91 31.38
C ARG B 22 -12.12 16.48 31.87
N ASP B 23 -13.05 15.76 31.26
CA ASP B 23 -13.39 14.40 31.72
C ASP B 23 -12.77 13.29 30.88
N LEU B 24 -11.86 13.62 29.99
CA LEU B 24 -11.16 12.59 29.22
C LEU B 24 -10.39 11.67 30.18
N PRO B 25 -10.44 10.36 29.96
CA PRO B 25 -9.79 9.52 30.95
C PRO B 25 -8.27 9.73 30.97
N PRO B 26 -7.67 9.81 32.17
CA PRO B 26 -6.22 9.94 32.30
C PRO B 26 -5.54 8.60 32.04
N THR B 27 -5.65 8.10 30.82
CA THR B 27 -5.21 6.74 30.50
C THR B 27 -3.77 6.74 29.97
N VAL B 28 -3.04 5.68 30.25
CA VAL B 28 -1.64 5.63 29.84
C VAL B 28 -1.54 5.23 28.37
N GLN B 29 -2.50 4.43 27.90
CA GLN B 29 -2.31 3.69 26.65
C GLN B 29 -2.56 4.57 25.43
N PRO B 30 -2.06 4.15 24.26
CA PRO B 30 -2.37 4.93 23.06
C PRO B 30 -3.81 4.70 22.59
N GLU B 31 -4.40 5.72 22.00
CA GLU B 31 -5.74 5.60 21.46
C GLU B 31 -5.84 6.09 20.03
N ILE B 32 -6.72 5.45 19.27
CA ILE B 32 -7.06 5.87 17.91
C ILE B 32 -8.45 6.51 17.84
N ALA B 33 -8.56 7.60 17.09
CA ALA B 33 -9.83 8.31 16.92
C ALA B 33 -10.50 7.86 15.63
N PHE B 34 -11.81 7.70 15.67
CA PHE B 34 -12.65 7.40 14.48
C PHE B 34 -13.59 8.55 14.16
N ALA B 35 -13.59 8.98 12.90
CA ALA B 35 -14.39 10.12 12.45
C ALA B 35 -15.15 9.80 11.15
N GLY B 36 -16.20 10.57 10.86
CA GLY B 36 -16.95 10.39 9.61
C GLY B 36 -18.30 11.11 9.58
N ARG B 37 -18.93 11.15 8.40
CA ARG B 37 -20.22 11.80 8.22
C ARG B 37 -21.33 10.96 8.85
N SER B 38 -21.18 9.65 8.77
CA SER B 38 -22.29 8.75 9.11
C SER B 38 -21.98 7.97 10.37
N ASN B 39 -22.73 8.25 11.44
CA ASN B 39 -22.66 7.40 12.64
C ASN B 39 -22.96 5.94 12.32
N ALA B 40 -23.87 5.71 11.38
CA ALA B 40 -24.24 4.37 10.94
C ALA B 40 -23.03 3.63 10.41
N GLY B 41 -22.28 4.28 9.51
CA GLY B 41 -21.08 3.68 8.90
C GLY B 41 -19.92 3.51 9.86
N LYS B 42 -19.73 4.50 10.75
CA LYS B 42 -18.72 4.41 11.80
C LYS B 42 -18.98 3.19 12.68
N SER B 43 -20.17 3.16 13.28
CA SER B 43 -20.56 2.10 14.21
C SER B 43 -20.42 0.73 13.56
N THR B 44 -20.78 0.63 12.29
CA THR B 44 -20.65 -0.63 11.55
C THR B 44 -19.21 -1.03 11.32
N ALA B 45 -18.35 -0.05 11.04
CA ALA B 45 -16.92 -0.30 10.81
C ALA B 45 -16.24 -0.79 12.09
N ILE B 46 -16.57 -0.16 13.21
CA ILE B 46 -16.02 -0.55 14.51
C ILE B 46 -16.38 -2.01 14.87
N ASN B 47 -17.64 -2.37 14.66
CA ASN B 47 -18.14 -3.70 14.99
C ASN B 47 -17.44 -4.77 14.13
N VAL B 48 -17.20 -4.47 12.87
CA VAL B 48 -16.54 -5.42 11.98
C VAL B 48 -15.06 -5.54 12.31
N LEU B 49 -14.42 -4.43 12.58
CA LEU B 49 -13.01 -4.45 12.98
C LEU B 49 -12.78 -5.21 14.30
N CYS B 50 -13.77 -5.21 15.18
CA CYS B 50 -13.74 -5.99 16.45
C CYS B 50 -14.51 -7.33 16.37
N ASN B 51 -14.99 -7.65 15.17
CA ASN B 51 -15.86 -8.80 14.98
C ASN B 51 -16.91 -8.97 16.08
N GLN B 52 -17.65 -7.90 16.37
CA GLN B 52 -18.78 -7.98 17.28
C GLN B 52 -20.06 -7.55 16.58
N LYS B 53 -21.21 -7.96 17.11
CA LYS B 53 -22.50 -7.53 16.54
C LYS B 53 -23.03 -6.21 17.19
N ARG B 54 -22.59 -5.94 18.42
CA ARG B 54 -23.37 -5.12 19.33
C ARG B 54 -22.50 -4.29 20.26
N LEU B 55 -21.41 -3.76 19.70
CA LEU B 55 -20.43 -2.99 20.47
C LEU B 55 -20.67 -1.50 20.37
N ALA B 56 -20.85 -1.03 19.14
CA ALA B 56 -21.06 0.38 18.86
C ALA B 56 -22.43 0.53 18.24
N PHE B 57 -23.04 1.69 18.44
CA PHE B 57 -24.36 2.00 17.88
C PHE B 57 -24.36 3.42 17.34
N ALA B 58 -25.15 3.64 16.28
CA ALA B 58 -25.09 4.86 15.47
C ALA B 58 -25.55 6.10 16.26
N HIS B 67 -21.24 13.42 23.06
CA HIS B 67 -20.61 12.16 23.37
C HIS B 67 -19.41 11.91 22.47
N ILE B 68 -18.23 11.80 23.08
CA ILE B 68 -17.13 11.00 22.55
C ILE B 68 -17.11 9.72 23.35
N ASN B 69 -17.07 8.57 22.68
CA ASN B 69 -17.12 7.25 23.37
C ASN B 69 -15.79 6.51 23.29
N TYR B 70 -15.37 6.00 24.46
CA TYR B 70 -14.13 5.25 24.63
C TYR B 70 -14.40 3.74 24.69
N PHE B 71 -13.56 2.94 24.03
CA PHE B 71 -13.65 1.48 24.02
C PHE B 71 -12.29 0.86 24.34
N SER B 72 -12.18 0.08 25.41
CA SER B 72 -10.95 -0.70 25.64
C SER B 72 -10.63 -1.57 24.42
N VAL B 73 -9.33 -1.74 24.15
CA VAL B 73 -8.80 -2.76 23.21
C VAL B 73 -7.95 -3.68 24.07
N GLY B 74 -7.86 -4.97 23.74
CA GLY B 74 -7.36 -5.92 24.72
C GLY B 74 -8.36 -6.12 25.86
N PRO B 75 -7.95 -6.80 26.95
CA PRO B 75 -8.84 -7.05 28.07
C PRO B 75 -9.21 -5.75 28.76
N ALA B 76 -10.46 -5.62 29.20
CA ALA B 76 -10.94 -4.40 29.85
C ALA B 76 -10.21 -4.09 31.15
N ALA B 77 -9.82 -5.15 31.86
CA ALA B 77 -9.08 -5.02 33.11
C ALA B 77 -7.66 -4.51 32.88
N GLU B 78 -7.13 -4.74 31.68
CA GLU B 78 -5.72 -4.47 31.38
C GLU B 78 -5.55 -4.00 29.93
N PRO B 79 -6.19 -2.87 29.58
CA PRO B 79 -6.26 -2.55 28.16
C PRO B 79 -4.90 -2.22 27.54
N VAL B 80 -4.77 -2.47 26.25
CA VAL B 80 -3.55 -2.17 25.51
C VAL B 80 -3.69 -0.93 24.63
N ALA B 81 -4.92 -0.50 24.38
CA ALA B 81 -5.19 0.77 23.73
C ALA B 81 -6.68 1.15 23.96
N HIS B 82 -7.08 2.32 23.46
CA HIS B 82 -8.50 2.63 23.31
C HIS B 82 -8.88 3.00 21.91
N LEU B 83 -10.17 2.87 21.61
CA LEU B 83 -10.76 3.39 20.37
C LEU B 83 -11.67 4.55 20.77
N VAL B 84 -11.52 5.69 20.09
CA VAL B 84 -12.29 6.87 20.44
C VAL B 84 -13.23 7.24 19.30
N ASP B 85 -14.53 7.08 19.56
CA ASP B 85 -15.53 7.38 18.53
C ASP B 85 -15.95 8.82 18.65
N LEU B 86 -15.53 9.64 17.70
CA LEU B 86 -15.96 11.02 17.65
C LEU B 86 -17.36 11.12 17.04
N PRO B 87 -18.20 12.03 17.57
CA PRO B 87 -19.57 12.26 17.09
C PRO B 87 -19.68 12.75 15.62
N GLY B 88 -20.60 12.16 14.84
CA GLY B 88 -20.66 12.37 13.40
C GLY B 88 -21.13 13.75 12.98
N TYR B 89 -21.24 13.93 11.68
CA TYR B 89 -21.60 15.23 11.11
C TYR B 89 -22.33 15.06 9.78
N LYS B 99 -23.21 23.96 17.20
CA LYS B 99 -22.04 23.70 16.36
C LYS B 99 -20.77 24.20 17.02
N ALA B 100 -20.77 25.41 17.59
CA ALA B 100 -19.55 25.99 18.19
C ALA B 100 -18.94 25.12 19.30
N HIS B 101 -19.78 24.61 20.19
CA HIS B 101 -19.30 23.76 21.28
C HIS B 101 -18.58 22.56 20.72
N TRP B 102 -19.20 21.92 19.73
CA TRP B 102 -18.71 20.72 19.04
C TRP B 102 -17.38 20.93 18.37
N GLU B 103 -17.31 22.07 17.68
CA GLU B 103 -16.10 22.51 17.01
C GLU B 103 -14.94 22.66 18.00
N GLN B 104 -15.12 23.51 19.00
CA GLN B 104 -14.11 23.68 20.05
C GLN B 104 -13.68 22.33 20.65
N LEU B 105 -14.64 21.48 21.01
CA LEU B 105 -14.34 20.24 21.74
C LEU B 105 -13.44 19.31 20.92
N LEU B 106 -13.90 18.98 19.72
CA LEU B 106 -13.19 18.06 18.82
C LEU B 106 -11.81 18.56 18.36
N SER B 107 -11.70 19.84 18.04
CA SER B 107 -10.44 20.42 17.61
C SER B 107 -9.43 20.38 18.76
N SER B 108 -9.86 20.76 19.98
CA SER B 108 -8.99 20.68 21.16
C SER B 108 -8.57 19.26 21.47
N TYR B 109 -9.50 18.30 21.31
CA TYR B 109 -9.17 16.91 21.55
C TYR B 109 -8.11 16.52 20.53
N LEU B 110 -8.48 16.57 19.26
CA LEU B 110 -7.57 16.24 18.16
C LEU B 110 -6.17 16.87 18.28
N GLN B 111 -6.13 18.14 18.67
CA GLN B 111 -4.87 18.89 18.72
C GLN B 111 -4.09 18.84 20.03
N THR B 112 -4.69 18.38 21.12
CA THR B 112 -3.97 18.42 22.43
C THR B 112 -3.85 17.10 23.17
N ARG B 113 -4.57 16.08 22.74
CA ARG B 113 -4.58 14.79 23.46
C ARG B 113 -3.27 14.07 23.28
N PRO B 114 -2.45 13.96 24.35
CA PRO B 114 -1.16 13.29 24.22
C PRO B 114 -1.23 11.83 23.73
N GLN B 115 -2.21 11.07 24.22
CA GLN B 115 -2.26 9.62 23.98
C GLN B 115 -2.69 9.23 22.55
N LEU B 116 -3.39 10.15 21.90
CA LEU B 116 -3.89 9.95 20.56
C LEU B 116 -2.74 9.78 19.57
N CYS B 117 -2.61 8.60 18.98
CA CYS B 117 -1.58 8.33 17.98
C CYS B 117 -2.08 8.41 16.54
N GLY B 118 -3.36 8.61 16.31
CA GLY B 118 -3.83 8.68 14.92
C GLY B 118 -5.31 8.67 14.71
N MET B 119 -5.75 8.96 13.49
CA MET B 119 -7.16 9.05 13.19
C MET B 119 -7.55 8.18 12.02
N ILE B 120 -8.60 7.39 12.22
CA ILE B 120 -9.24 6.62 11.14
C ILE B 120 -10.50 7.34 10.70
N LEU B 121 -10.54 7.66 9.42
CA LEU B 121 -11.57 8.49 8.84
C LEU B 121 -12.42 7.66 7.88
N MET B 122 -13.72 7.61 8.13
CA MET B 122 -14.64 6.79 7.34
C MET B 122 -15.32 7.62 6.27
N MET B 123 -15.13 7.26 5.01
CA MET B 123 -15.73 7.99 3.91
C MET B 123 -16.30 7.05 2.86
N ASP B 124 -17.58 7.23 2.55
CA ASP B 124 -18.25 6.57 1.43
C ASP B 124 -17.42 6.62 0.14
N ALA B 125 -17.09 5.45 -0.39
CA ALA B 125 -16.31 5.37 -1.63
C ALA B 125 -16.91 6.15 -2.80
N ARG B 126 -18.24 6.22 -2.87
CA ARG B 126 -18.94 6.98 -3.93
C ARG B 126 -18.78 8.48 -3.79
N ARG B 127 -18.41 8.95 -2.60
CA ARG B 127 -18.31 10.39 -2.33
C ARG B 127 -17.19 10.67 -1.32
N PRO B 128 -15.93 10.46 -1.71
CA PRO B 128 -14.84 10.63 -0.74
C PRO B 128 -14.52 12.08 -0.46
N LEU B 129 -13.99 12.33 0.73
CA LEU B 129 -13.36 13.58 1.09
C LEU B 129 -14.27 14.78 0.92
N THR B 130 -15.38 14.79 1.66
CA THR B 130 -16.29 15.93 1.59
C THR B 130 -15.69 17.12 2.33
N GLU B 131 -16.41 18.25 2.32
CA GLU B 131 -15.97 19.44 3.00
C GLU B 131 -15.78 19.15 4.49
N LEU B 132 -16.67 18.38 5.09
CA LEU B 132 -16.54 18.10 6.50
C LEU B 132 -15.43 17.07 6.80
N ASP B 133 -15.20 16.13 5.90
CA ASP B 133 -14.00 15.28 5.99
C ASP B 133 -12.75 16.14 6.03
N ARG B 134 -12.64 17.05 5.07
CA ARG B 134 -11.53 18.00 5.00
C ARG B 134 -11.31 18.80 6.30
N ARG B 135 -12.39 19.15 6.98
CA ARG B 135 -12.28 19.89 8.24
C ARG B 135 -11.64 19.06 9.36
N MET B 136 -11.93 17.78 9.40
CA MET B 136 -11.29 16.89 10.38
C MET B 136 -9.79 16.80 10.10
N ILE B 137 -9.45 16.74 8.83
CA ILE B 137 -8.06 16.75 8.39
C ILE B 137 -7.34 18.01 8.86
N GLU B 138 -7.97 19.17 8.63
CA GLU B 138 -7.33 20.44 8.96
C GLU B 138 -7.20 20.62 10.45
N TRP B 139 -8.16 20.10 11.21
CA TRP B 139 -8.07 20.17 12.65
C TRP B 139 -6.91 19.41 13.17
N PHE B 140 -6.59 18.30 12.50
CA PHE B 140 -5.52 17.43 12.96
C PHE B 140 -4.16 17.92 12.50
N ALA B 141 -4.17 18.80 11.50
CA ALA B 141 -2.97 19.26 10.78
C ALA B 141 -1.76 19.64 11.64
N PRO B 142 -1.95 20.43 12.70
CA PRO B 142 -0.78 20.85 13.49
C PRO B 142 -0.04 19.75 14.23
N THR B 143 -0.61 18.56 14.30
CA THR B 143 0.00 17.48 15.10
C THR B 143 1.05 16.69 14.34
N GLY B 144 0.96 16.65 13.02
CA GLY B 144 1.86 15.78 12.25
C GLY B 144 1.54 14.30 12.44
N LYS B 145 0.37 13.99 13.03
CA LYS B 145 -0.03 12.62 13.29
C LYS B 145 -0.80 12.09 12.05
N PRO B 146 -0.80 10.75 11.85
CA PRO B 146 -1.37 10.13 10.63
C PRO B 146 -2.87 10.00 10.57
N ILE B 147 -3.39 10.02 9.35
CA ILE B 147 -4.79 9.78 9.07
C ILE B 147 -4.90 8.67 8.04
N HIS B 148 -5.59 7.59 8.40
CA HIS B 148 -5.89 6.47 7.50
C HIS B 148 -7.34 6.51 7.10
N SER B 149 -7.58 6.70 5.80
CA SER B 149 -8.94 6.73 5.29
C SER B 149 -9.46 5.35 4.87
N LEU B 150 -10.63 4.97 5.40
CA LEU B 150 -11.38 3.82 4.88
C LEU B 150 -12.48 4.31 3.94
N LEU B 151 -12.38 3.94 2.66
CA LEU B 151 -13.42 4.20 1.67
C LEU B 151 -14.46 3.07 1.80
N THR B 152 -15.53 3.40 2.49
CA THR B 152 -16.53 2.44 2.98
C THR B 152 -17.62 2.08 1.96
N LYS B 153 -18.28 0.95 2.21
CA LYS B 153 -19.42 0.47 1.39
C LYS B 153 -18.95 0.20 -0.03
N CYS B 154 -17.73 -0.32 -0.14
CA CYS B 154 -17.08 -0.40 -1.43
C CYS B 154 -17.72 -1.51 -2.29
N ASP B 155 -18.55 -2.36 -1.66
CA ASP B 155 -19.30 -3.40 -2.38
C ASP B 155 -20.40 -2.82 -3.29
N LYS B 156 -20.75 -1.55 -3.08
CA LYS B 156 -21.72 -0.86 -3.93
C LYS B 156 -21.11 -0.43 -5.28
N LEU B 157 -19.81 -0.59 -5.46
CA LEU B 157 -19.14 -0.20 -6.70
C LEU B 157 -18.69 -1.43 -7.46
N THR B 158 -18.55 -1.30 -8.77
CA THR B 158 -17.87 -2.33 -9.56
C THR B 158 -16.36 -2.34 -9.25
N ARG B 159 -15.68 -3.41 -9.68
CA ARG B 159 -14.27 -3.56 -9.41
C ARG B 159 -13.52 -2.36 -9.98
N GLN B 160 -13.81 -2.00 -11.22
CA GLN B 160 -13.13 -0.88 -11.87
C GLN B 160 -13.40 0.45 -11.15
N GLU B 161 -14.66 0.67 -10.78
CA GLU B 161 -15.06 1.88 -10.07
C GLU B 161 -14.31 2.01 -8.75
N SER B 162 -14.17 0.89 -8.04
CA SER B 162 -13.47 0.89 -6.75
C SER B 162 -12.02 1.31 -6.94
N ILE B 163 -11.35 0.70 -7.92
CA ILE B 163 -10.00 1.09 -8.28
C ILE B 163 -9.96 2.57 -8.61
N ASN B 164 -10.88 3.04 -9.44
CA ASN B 164 -10.91 4.47 -9.81
C ASN B 164 -11.06 5.40 -8.60
N ALA B 165 -11.84 4.97 -7.61
CA ALA B 165 -12.02 5.75 -6.41
C ALA B 165 -10.76 5.70 -5.53
N LEU B 166 -10.13 4.54 -5.44
CA LEU B 166 -8.89 4.39 -4.69
C LEU B 166 -7.83 5.35 -5.24
N ARG B 167 -7.60 5.29 -6.55
CA ARG B 167 -6.59 6.14 -7.19
C ARG B 167 -6.93 7.62 -7.06
N ALA B 168 -8.21 8.00 -7.24
CA ALA B 168 -8.61 9.39 -7.11
C ALA B 168 -8.34 9.95 -5.69
N THR B 169 -8.66 9.16 -4.66
CA THR B 169 -8.45 9.57 -3.26
C THR B 169 -6.97 9.64 -2.95
N GLN B 170 -6.24 8.62 -3.38
CA GLN B 170 -4.79 8.60 -3.31
C GLN B 170 -4.19 9.89 -3.81
N LYS B 171 -4.61 10.29 -5.02
CA LYS B 171 -4.10 11.48 -5.64
C LYS B 171 -4.46 12.71 -4.82
N SER B 172 -5.68 12.76 -4.28
CA SER B 172 -6.08 13.91 -3.44
C SER B 172 -5.28 13.99 -2.15
N LEU B 173 -5.04 12.84 -1.53
CA LEU B 173 -4.24 12.79 -0.31
C LEU B 173 -2.78 13.23 -0.54
N ASP B 174 -2.18 12.78 -1.63
CA ASP B 174 -0.81 13.18 -1.94
C ASP B 174 -0.72 14.69 -2.24
N ALA B 175 -1.75 15.22 -2.91
CA ALA B 175 -1.91 16.66 -3.13
C ALA B 175 -1.91 17.45 -1.81
N TYR B 176 -2.48 16.86 -0.77
CA TYR B 176 -2.45 17.44 0.58
C TYR B 176 -1.02 17.51 1.13
N ARG B 177 -0.26 16.43 0.98
CA ARG B 177 1.16 16.42 1.35
C ARG B 177 1.93 17.50 0.56
N ASP B 178 1.70 17.55 -0.75
CA ASP B 178 2.32 18.58 -1.59
C ASP B 178 1.93 19.98 -1.13
N ALA B 179 0.71 20.16 -0.61
CA ALA B 179 0.26 21.46 -0.08
C ALA B 179 0.63 21.60 1.41
N GLY B 180 1.57 20.77 1.89
CA GLY B 180 2.21 21.04 3.19
C GLY B 180 1.68 20.22 4.36
N TYR B 181 0.73 19.32 4.12
CA TYR B 181 0.23 18.45 5.20
C TYR B 181 1.34 17.53 5.77
N ALA B 182 1.67 17.69 7.05
CA ALA B 182 2.82 16.96 7.66
C ALA B 182 2.56 15.48 7.90
N GLY B 183 1.42 15.15 8.49
CA GLY B 183 1.11 13.79 8.94
C GLY B 183 0.83 12.81 7.81
N LYS B 184 1.16 11.53 8.03
CA LYS B 184 1.02 10.52 6.98
C LYS B 184 -0.43 10.24 6.59
N LEU B 185 -0.76 10.44 5.31
CA LEU B 185 -2.10 10.16 4.78
C LEU B 185 -2.16 8.88 3.92
N THR B 186 -2.88 7.89 4.43
CA THR B 186 -3.07 6.62 3.73
C THR B 186 -4.56 6.38 3.40
N VAL B 187 -4.83 5.34 2.61
CA VAL B 187 -6.20 5.04 2.18
C VAL B 187 -6.33 3.58 1.72
N GLN B 188 -7.50 2.99 1.94
CA GLN B 188 -7.82 1.66 1.43
C GLN B 188 -9.33 1.54 1.17
N LEU B 189 -9.72 0.54 0.37
CA LEU B 189 -11.15 0.20 0.23
C LEU B 189 -11.58 -0.62 1.44
N PHE B 190 -12.86 -0.45 1.84
CA PHE B 190 -13.43 -1.17 2.98
C PHE B 190 -14.93 -1.50 2.81
N SER B 191 -15.28 -2.75 3.12
CA SER B 191 -16.66 -3.23 3.11
C SER B 191 -16.98 -4.07 4.34
N ALA B 192 -17.75 -3.48 5.27
CA ALA B 192 -18.26 -4.22 6.43
C ALA B 192 -19.04 -5.48 6.01
N LEU B 193 -20.06 -5.28 5.20
CA LEU B 193 -20.88 -6.38 4.64
C LEU B 193 -20.10 -7.53 4.01
N LYS B 194 -19.19 -7.21 3.08
CA LYS B 194 -18.43 -8.24 2.35
C LYS B 194 -17.08 -8.55 3.00
N ARG B 195 -16.81 -7.95 4.17
CA ARG B 195 -15.58 -8.18 4.93
C ARG B 195 -14.32 -7.95 4.07
N THR B 196 -14.34 -6.86 3.31
CA THR B 196 -13.22 -6.50 2.42
C THR B 196 -12.37 -5.45 3.11
N GLY B 197 -11.05 -5.61 3.02
CA GLY B 197 -10.12 -4.62 3.53
C GLY B 197 -9.84 -4.80 5.00
N LEU B 198 -10.28 -5.93 5.55
CA LEU B 198 -10.27 -6.14 6.98
C LEU B 198 -8.85 -6.43 7.50
N ASP B 199 -8.13 -7.31 6.79
CA ASP B 199 -6.74 -7.65 7.13
C ASP B 199 -5.82 -6.44 6.98
N ASP B 200 -5.99 -5.70 5.89
CA ASP B 200 -5.28 -4.44 5.75
C ASP B 200 -5.59 -3.47 6.90
N ALA B 201 -6.86 -3.38 7.27
CA ALA B 201 -7.27 -2.44 8.31
C ALA B 201 -6.63 -2.86 9.63
N HIS B 202 -6.64 -4.16 9.91
CA HIS B 202 -5.96 -4.68 11.09
C HIS B 202 -4.48 -4.40 11.09
N ALA B 203 -3.82 -4.61 9.96
CA ALA B 203 -2.37 -4.38 9.86
C ALA B 203 -2.05 -2.91 10.15
N LEU B 204 -2.83 -1.99 9.57
CA LEU B 204 -2.55 -0.59 9.82
C LEU B 204 -2.70 -0.27 11.30
N ILE B 205 -3.77 -0.77 11.92
CA ILE B 205 -4.00 -0.53 13.34
C ILE B 205 -2.83 -1.07 14.17
N GLU B 206 -2.43 -2.31 13.89
CA GLU B 206 -1.26 -2.92 14.54
C GLU B 206 -0.01 -2.04 14.40
N SER B 207 0.22 -1.51 13.19
CA SER B 207 1.39 -0.67 12.93
C SER B 207 1.39 0.57 13.83
N TRP B 208 0.22 1.16 14.03
CA TRP B 208 0.10 2.34 14.93
C TRP B 208 0.23 2.01 16.38
N LEU B 209 -0.37 0.91 16.82
CA LEU B 209 -0.49 0.65 18.25
C LEU B 209 0.69 -0.15 18.85
N ARG B 210 1.52 -0.71 17.98
CA ARG B 210 2.69 -1.50 18.41
C ARG B 210 3.78 -1.35 17.35
CL CL C . 21.33 -3.63 3.61
CL CL D . 14.68 -14.06 -18.84
CL CL E . 14.34 -13.86 -13.24
#